data_2VY2
#
_entry.id   2VY2
#
_cell.length_a   98.850
_cell.length_b   98.850
_cell.length_c   177.400
_cell.angle_alpha   90.00
_cell.angle_beta   90.00
_cell.angle_gamma   120.00
#
_symmetry.space_group_name_H-M   'P 65 2 2'
#
loop_
_entity.id
_entity.type
_entity.pdbx_description
1 polymer 'PROTEIN LEAFY'
2 polymer "5'-D(*AP*TP*TP*TP*AP*AP*TP*CP*CP*AP *AP*TP*GP*GP*TP*TP*AP*CP*AP*A)-3'"
3 water water
#
loop_
_entity_poly.entity_id
_entity_poly.type
_entity_poly.pdbx_seq_one_letter_code
_entity_poly.pdbx_strand_id
1 'polypeptide(L)'
;LGTERQREHPFIVTEPGEVARGKKNGLDYLFHLYEQCREFLLQVQTIAKDRGEKCPTKVTNQVFRYAKKSGASYINKPKM
RHYVHCYALHCLDEEASNALRRAFKERGENVGSWRQACYKPLVNIACRHGWDIDAVFNAHPRLSIWYVPTKLRQLCHLER
NNAVAAAAALVGGISCTGSSTSGRGGCGGDDLRF
;
A
2 'polydeoxyribonucleotide' (DA)(DT)(DT)(DT)(DA)(DA)(DT)(DC)(DC)(DA)(DA)(DT)(DG)(DG)(DT)(DT)(DA)(DC)(DA)(DA) W
#
loop_
_chem_comp.id
_chem_comp.type
_chem_comp.name
_chem_comp.formula
DA DNA linking 2'-DEOXYADENOSINE-5'-MONOPHOSPHATE 'C10 H14 N5 O6 P'
DC DNA linking 2'-DEOXYCYTIDINE-5'-MONOPHOSPHATE 'C9 H14 N3 O7 P'
DG DNA linking 2'-DEOXYGUANOSINE-5'-MONOPHOSPHATE 'C10 H14 N5 O7 P'
DT DNA linking THYMIDINE-5'-MONOPHOSPHATE 'C10 H15 N2 O8 P'
#
# COMPACT_ATOMS: atom_id res chain seq x y z
N ARG A 7 -21.00 -5.80 4.70
CA ARG A 7 -20.06 -5.37 3.64
C ARG A 7 -19.86 -3.87 3.75
N GLU A 8 -18.61 -3.43 3.78
CA GLU A 8 -18.32 -2.00 3.82
C GLU A 8 -18.75 -1.35 2.51
N HIS A 9 -19.06 -0.05 2.55
CA HIS A 9 -19.26 0.70 1.31
C HIS A 9 -17.99 0.66 0.48
N PRO A 10 -18.12 0.61 -0.86
CA PRO A 10 -16.95 0.52 -1.74
C PRO A 10 -16.21 1.85 -1.84
N PHE A 11 -14.92 1.78 -2.13
CA PHE A 11 -14.15 2.99 -2.40
C PHE A 11 -14.44 3.58 -3.77
N ILE A 12 -14.20 4.89 -3.88
CA ILE A 12 -14.19 5.59 -5.16
C ILE A 12 -12.97 6.52 -5.21
N VAL A 13 -12.55 6.88 -6.41
CA VAL A 13 -11.40 7.77 -6.56
C VAL A 13 -11.76 9.19 -6.12
N THR A 14 -11.01 9.74 -5.18
CA THR A 14 -11.23 11.12 -4.71
C THR A 14 -9.94 11.91 -4.75
N GLU A 15 -10.03 13.23 -4.70
CA GLU A 15 -8.83 14.06 -4.65
C GLU A 15 -8.48 14.31 -3.19
N PRO A 16 -7.22 14.73 -2.92
CA PRO A 16 -6.76 14.88 -1.53
C PRO A 16 -7.72 15.75 -0.75
N GLY A 17 -8.13 15.30 0.43
CA GLY A 17 -9.04 16.05 1.28
C GLY A 17 -10.53 15.89 0.96
N GLU A 18 -10.86 15.34 -0.19
CA GLU A 18 -12.27 15.25 -0.58
C GLU A 18 -13.04 14.25 0.30
N VAL A 19 -14.23 14.64 0.75
CA VAL A 19 -15.16 13.68 1.38
C VAL A 19 -16.12 13.07 0.35
N ALA A 20 -16.21 11.74 0.31
CA ALA A 20 -17.10 11.06 -0.65
C ALA A 20 -18.57 11.17 -0.24
N ARG A 21 -19.44 11.45 -1.21
CA ARG A 21 -20.87 11.63 -0.97
C ARG A 21 -21.59 10.31 -1.11
N GLY A 22 -22.59 10.07 -0.26
CA GLY A 22 -23.38 8.87 -0.39
C GLY A 22 -22.74 7.66 0.25
N LYS A 23 -23.20 6.47 -0.15
CA LYS A 23 -22.71 5.21 0.38
C LYS A 23 -21.38 4.81 -0.23
N LYS A 24 -20.36 5.64 -0.02
CA LYS A 24 -19.04 5.44 -0.63
C LYS A 24 -17.98 5.89 0.36
N ASN A 25 -16.79 5.33 0.24
CA ASN A 25 -15.61 5.84 0.97
C ASN A 25 -14.59 6.34 -0.03
N GLY A 26 -13.79 7.31 0.39
CA GLY A 26 -12.75 7.89 -0.45
C GLY A 26 -11.34 7.37 -0.12
N LEU A 27 -10.36 7.85 -0.88
CA LEU A 27 -9.01 7.28 -0.86
C LEU A 27 -8.18 7.70 0.38
N ASP A 28 -8.45 8.88 0.91
CA ASP A 28 -7.82 9.28 2.18
C ASP A 28 -8.27 8.34 3.31
N TYR A 29 -9.52 7.90 3.27
CA TYR A 29 -9.99 6.89 4.22
C TYR A 29 -9.24 5.55 4.04
N LEU A 30 -9.05 5.11 2.80
CA LEU A 30 -8.27 3.93 2.53
C LEU A 30 -6.86 4.01 3.16
N PHE A 31 -6.14 5.10 2.89
CA PHE A 31 -4.80 5.30 3.45
C PHE A 31 -4.79 5.36 4.99
N HIS A 32 -5.79 6.00 5.56
CA HIS A 32 -5.97 5.95 7.00
C HIS A 32 -6.10 4.52 7.55
N LEU A 33 -6.71 3.60 6.80
CA LEU A 33 -6.77 2.20 7.25
C LEU A 33 -5.36 1.57 7.41
N TYR A 34 -4.43 1.96 6.54
CA TYR A 34 -3.05 1.46 6.67
C TYR A 34 -2.40 2.01 7.96
N GLU A 35 -2.60 3.32 8.19
CA GLU A 35 -2.11 3.95 9.40
C GLU A 35 -2.65 3.24 10.65
N GLN A 36 -3.91 2.82 10.62
CA GLN A 36 -4.50 2.08 11.74
C GLN A 36 -3.86 0.70 11.93
N CYS A 37 -3.53 -0.01 10.83
CA CYS A 37 -2.86 -1.31 10.96
C CYS A 37 -1.48 -1.15 11.55
N ARG A 38 -0.79 -0.10 11.14
CA ARG A 38 0.52 0.22 11.69
C ARG A 38 0.39 0.37 13.24
N GLU A 39 -0.56 1.17 13.68
CA GLU A 39 -0.82 1.32 15.11
C GLU A 39 -1.08 -0.04 15.76
N PHE A 40 -1.92 -0.87 15.16
CA PHE A 40 -2.12 -2.20 15.75
C PHE A 40 -0.79 -2.99 15.88
N LEU A 41 0.09 -2.90 14.87
CA LEU A 41 1.35 -3.62 14.96
C LEU A 41 2.18 -3.14 16.17
N LEU A 42 2.26 -1.82 16.34
CA LEU A 42 3.03 -1.24 17.44
C LEU A 42 2.54 -1.84 18.75
N GLN A 43 1.22 -2.04 18.86
CA GLN A 43 0.64 -2.59 20.06
C GLN A 43 0.96 -4.06 20.26
N VAL A 44 1.07 -4.80 19.15
CA VAL A 44 1.41 -6.22 19.24
C VAL A 44 2.90 -6.37 19.62
N GLN A 45 3.74 -5.45 19.13
CA GLN A 45 5.18 -5.45 19.44
C GLN A 45 5.46 -5.15 20.91
N THR A 46 4.72 -4.18 21.45
CA THR A 46 4.81 -3.81 22.84
C THR A 46 4.54 -5.05 23.72
N ILE A 47 3.44 -5.75 23.44
CA ILE A 47 3.16 -6.95 24.21
C ILE A 47 4.20 -8.08 24.00
N ALA A 48 4.57 -8.36 22.75
CA ALA A 48 5.55 -9.43 22.51
C ALA A 48 6.86 -9.18 23.29
N LYS A 49 7.35 -7.93 23.27
CA LYS A 49 8.58 -7.61 23.94
C LYS A 49 8.42 -7.74 25.46
N ASP A 50 7.33 -7.21 26.00
CA ASP A 50 7.10 -7.32 27.43
C ASP A 50 7.02 -8.79 27.88
N ARG A 51 6.51 -9.68 27.04
CA ARG A 51 6.44 -11.11 27.39
C ARG A 51 7.69 -11.94 27.03
N GLY A 52 8.73 -11.30 26.51
CA GLY A 52 9.85 -12.07 25.95
C GLY A 52 9.45 -13.12 24.91
N GLU A 53 8.44 -12.84 24.09
CA GLU A 53 8.04 -13.73 22.97
C GLU A 53 8.65 -13.20 21.67
N LYS A 54 8.67 -14.00 20.61
CA LYS A 54 9.18 -13.39 19.38
C LYS A 54 8.27 -12.25 18.87
N CYS A 55 8.92 -11.16 18.50
CA CYS A 55 8.33 -9.89 18.14
C CYS A 55 8.24 -9.73 16.63
N PRO A 56 7.03 -9.63 16.06
CA PRO A 56 6.93 -9.44 14.60
C PRO A 56 7.48 -8.10 14.14
N THR A 57 8.06 -8.06 12.95
CA THR A 57 8.43 -6.79 12.32
C THR A 57 7.56 -6.40 11.13
N LYS A 58 6.53 -7.19 10.82
CA LYS A 58 5.65 -6.89 9.67
C LYS A 58 4.21 -7.01 10.12
N VAL A 59 3.29 -6.45 9.35
CA VAL A 59 1.89 -6.73 9.62
C VAL A 59 1.59 -8.19 9.25
N THR A 60 1.35 -9.05 10.24
CA THR A 60 1.12 -10.49 10.01
C THR A 60 -0.33 -10.91 10.32
N ASN A 61 -0.66 -12.18 10.10
CA ASN A 61 -1.96 -12.72 10.52
C ASN A 61 -2.21 -12.34 11.99
N GLN A 62 -1.14 -12.31 12.78
CA GLN A 62 -1.23 -11.99 14.21
C GLN A 62 -1.86 -10.58 14.38
N VAL A 63 -1.36 -9.63 13.61
CA VAL A 63 -1.90 -8.27 13.66
C VAL A 63 -3.36 -8.15 13.16
N PHE A 64 -3.74 -8.85 12.10
CA PHE A 64 -5.16 -8.85 11.67
C PHE A 64 -6.10 -9.41 12.76
N ARG A 65 -5.70 -10.49 13.43
CA ARG A 65 -6.54 -11.02 14.51
C ARG A 65 -6.70 -9.98 15.62
N TYR A 66 -5.61 -9.32 15.94
CA TYR A 66 -5.65 -8.25 16.93
C TYR A 66 -6.58 -7.08 16.50
N ALA A 67 -6.47 -6.62 15.26
CA ALA A 67 -7.40 -5.60 14.77
C ALA A 67 -8.87 -6.02 14.93
N LYS A 68 -9.20 -7.25 14.56
CA LYS A 68 -10.56 -7.74 14.69
C LYS A 68 -11.00 -7.74 16.14
N LYS A 69 -10.17 -8.35 16.99
CA LYS A 69 -10.52 -8.46 18.40
C LYS A 69 -10.80 -7.07 18.98
N SER A 70 -10.06 -6.07 18.53
CA SER A 70 -10.24 -4.72 19.03
C SER A 70 -11.45 -4.00 18.45
N GLY A 71 -12.28 -4.72 17.71
CA GLY A 71 -13.48 -4.14 17.13
C GLY A 71 -13.36 -3.42 15.79
N ALA A 72 -12.17 -3.41 15.20
CA ALA A 72 -12.01 -2.82 13.86
C ALA A 72 -12.43 -3.88 12.83
N SER A 73 -13.72 -4.15 12.78
CA SER A 73 -14.25 -5.27 11.99
C SER A 73 -14.13 -5.00 10.49
N TYR A 74 -14.11 -3.71 10.15
CA TYR A 74 -13.98 -3.26 8.77
C TYR A 74 -12.56 -3.42 8.21
N ILE A 75 -11.66 -3.97 9.00
CA ILE A 75 -10.33 -4.26 8.49
C ILE A 75 -10.29 -5.74 8.17
N ASN A 76 -9.73 -6.10 7.03
CA ASN A 76 -9.49 -7.51 6.75
C ASN A 76 -8.25 -7.66 5.85
N LYS A 77 -7.57 -8.80 5.97
CA LYS A 77 -6.32 -9.02 5.27
C LYS A 77 -6.41 -8.94 3.71
N PRO A 78 -7.43 -9.60 3.11
CA PRO A 78 -7.51 -9.63 1.63
C PRO A 78 -7.57 -8.21 1.07
N LYS A 79 -8.36 -7.35 1.71
CA LYS A 79 -8.49 -5.98 1.25
C LYS A 79 -7.19 -5.14 1.45
N MET A 80 -6.53 -5.32 2.59
CA MET A 80 -5.28 -4.60 2.84
C MET A 80 -4.19 -5.06 1.87
N ARG A 81 -4.05 -6.37 1.64
N ARG A 81 -4.04 -6.36 1.66
CA ARG A 81 -3.09 -6.85 0.65
CA ARG A 81 -3.14 -6.86 0.63
C ARG A 81 -3.42 -6.31 -0.78
C ARG A 81 -3.43 -6.26 -0.74
N HIS A 82 -4.71 -6.24 -1.10
CA HIS A 82 -5.16 -5.80 -2.41
C HIS A 82 -4.66 -4.39 -2.71
N TYR A 83 -4.75 -3.47 -1.76
CA TYR A 83 -4.37 -2.08 -2.04
C TYR A 83 -2.98 -1.65 -1.54
N VAL A 84 -2.13 -2.58 -1.10
CA VAL A 84 -0.89 -2.13 -0.45
C VAL A 84 -0.03 -1.25 -1.37
N HIS A 85 0.10 -1.63 -2.65
CA HIS A 85 0.96 -0.83 -3.53
C HIS A 85 0.47 0.61 -3.73
N CYS A 86 -0.84 0.85 -3.60
CA CYS A 86 -1.38 2.22 -3.69
C CYS A 86 -0.94 3.08 -2.49
N TYR A 87 -0.99 2.48 -1.30
CA TYR A 87 -0.45 3.13 -0.11
C TYR A 87 1.07 3.41 -0.26
N ALA A 88 1.79 2.43 -0.82
CA ALA A 88 3.23 2.58 -1.09
C ALA A 88 3.54 3.87 -1.88
N LEU A 89 2.78 4.11 -2.96
CA LEU A 89 3.02 5.29 -3.78
C LEU A 89 2.73 6.57 -2.99
N HIS A 90 1.63 6.56 -2.25
CA HIS A 90 1.28 7.68 -1.39
C HIS A 90 2.43 7.97 -0.40
N CYS A 91 3.07 6.93 0.13
CA CYS A 91 4.18 7.13 1.08
C CYS A 91 5.44 7.63 0.39
N LEU A 92 5.81 6.94 -0.68
CA LEU A 92 7.10 7.21 -1.31
C LEU A 92 7.15 8.53 -2.10
N ASP A 93 6.03 8.96 -2.68
CA ASP A 93 6.03 10.20 -3.46
C ASP A 93 4.64 10.81 -3.43
N GLU A 94 4.33 11.51 -2.35
CA GLU A 94 2.97 11.94 -2.10
C GLU A 94 2.46 12.84 -3.23
N GLU A 95 3.31 13.78 -3.64
CA GLU A 95 2.99 14.68 -4.74
C GLU A 95 2.52 13.92 -5.97
N ALA A 96 3.26 12.90 -6.36
CA ALA A 96 2.88 12.12 -7.53
C ALA A 96 1.61 11.30 -7.26
N SER A 97 1.43 10.86 -6.02
CA SER A 97 0.21 10.14 -5.67
C SER A 97 -1.01 11.06 -5.86
N ASN A 98 -0.91 12.28 -5.32
CA ASN A 98 -1.96 13.28 -5.47
C ASN A 98 -2.31 13.59 -6.93
N ALA A 99 -1.29 13.83 -7.75
CA ALA A 99 -1.55 14.16 -9.13
C ALA A 99 -2.29 13.02 -9.84
N LEU A 100 -1.89 11.78 -9.57
CA LEU A 100 -2.49 10.64 -10.26
C LEU A 100 -3.96 10.45 -9.88
N ARG A 101 -4.30 10.72 -8.62
CA ARG A 101 -5.68 10.70 -8.16
C ARG A 101 -6.52 11.78 -8.87
N ARG A 102 -6.01 13.00 -8.95
CA ARG A 102 -6.74 14.10 -9.56
C ARG A 102 -7.04 13.80 -11.00
N ALA A 103 -6.08 13.17 -11.67
CA ALA A 103 -6.19 12.86 -13.07
C ALA A 103 -7.20 11.75 -13.31
N PHE A 104 -7.18 10.73 -12.45
CA PHE A 104 -8.14 9.64 -12.60
C PHE A 104 -9.56 10.08 -12.25
N LYS A 105 -9.71 10.96 -11.27
CA LYS A 105 -11.03 11.49 -10.93
C LYS A 105 -11.63 12.26 -12.12
N GLU A 106 -10.88 13.22 -12.62
CA GLU A 106 -11.35 14.07 -13.69
C GLU A 106 -11.76 13.24 -14.90
N ARG A 107 -11.06 12.13 -15.14
CA ARG A 107 -11.41 11.24 -16.25
C ARG A 107 -12.57 10.27 -16.00
N GLY A 108 -13.14 10.28 -14.81
CA GLY A 108 -14.21 9.34 -14.48
C GLY A 108 -13.86 7.86 -14.35
N GLU A 109 -12.59 7.54 -14.04
CA GLU A 109 -12.18 6.12 -13.97
C GLU A 109 -12.67 5.46 -12.67
N ASN A 110 -12.84 4.14 -12.69
CA ASN A 110 -13.21 3.45 -11.46
C ASN A 110 -11.98 3.10 -10.54
N VAL A 111 -12.23 2.55 -9.36
CA VAL A 111 -11.14 2.32 -8.42
C VAL A 111 -10.18 1.25 -8.94
N GLY A 112 -10.74 0.19 -9.49
CA GLY A 112 -9.94 -0.88 -10.07
C GLY A 112 -8.94 -0.37 -11.08
N SER A 113 -9.36 0.61 -11.89
N SER A 113 -9.33 0.62 -11.89
CA SER A 113 -8.50 1.18 -12.93
CA SER A 113 -8.43 1.13 -12.93
C SER A 113 -7.38 2.04 -12.34
C SER A 113 -7.35 2.07 -12.37
N TRP A 114 -7.73 2.95 -11.45
CA TRP A 114 -6.73 3.77 -10.75
C TRP A 114 -5.66 2.89 -10.03
N ARG A 115 -6.12 1.83 -9.37
CA ARG A 115 -5.21 0.87 -8.72
C ARG A 115 -4.17 0.30 -9.69
N GLN A 116 -4.60 -0.12 -10.88
CA GLN A 116 -3.63 -0.61 -11.88
C GLN A 116 -2.61 0.44 -12.24
N ALA A 117 -3.03 1.69 -12.31
CA ALA A 117 -2.11 2.76 -12.68
C ALA A 117 -1.03 3.05 -11.63
N CYS A 118 -1.22 2.60 -10.40
CA CYS A 118 -0.25 2.89 -9.34
C CYS A 118 1.07 2.11 -9.52
N TYR A 119 1.00 1.00 -10.25
CA TYR A 119 2.19 0.15 -10.41
C TYR A 119 3.37 0.88 -11.08
N LYS A 120 3.11 1.48 -12.23
CA LYS A 120 4.17 2.10 -13.04
C LYS A 120 5.10 3.07 -12.30
N PRO A 121 4.54 4.08 -11.63
CA PRO A 121 5.47 4.98 -10.92
C PRO A 121 6.28 4.24 -9.83
N LEU A 122 5.74 3.19 -9.23
CA LEU A 122 6.54 2.41 -8.26
C LEU A 122 7.71 1.73 -8.94
N VAL A 123 7.46 1.08 -10.06
CA VAL A 123 8.53 0.46 -10.83
C VAL A 123 9.63 1.46 -11.19
N ASN A 124 9.22 2.69 -11.49
CA ASN A 124 10.21 3.71 -11.85
C ASN A 124 11.07 4.12 -10.67
N ILE A 125 10.45 4.18 -9.49
CA ILE A 125 11.20 4.40 -8.27
C ILE A 125 12.19 3.27 -8.00
N ALA A 126 11.75 2.02 -8.18
CA ALA A 126 12.65 0.88 -8.08
C ALA A 126 13.85 0.99 -9.03
N CYS A 127 13.60 1.36 -10.29
CA CYS A 127 14.68 1.51 -11.26
C CYS A 127 15.80 2.44 -10.77
N ARG A 128 15.45 3.51 -10.05
CA ARG A 128 16.46 4.44 -9.55
C ARG A 128 17.16 3.96 -8.28
N HIS A 129 16.88 2.73 -7.86
CA HIS A 129 17.52 2.17 -6.69
C HIS A 129 17.96 0.73 -6.91
N GLY A 130 18.54 0.48 -8.08
CA GLY A 130 19.12 -0.82 -8.37
C GLY A 130 18.08 -1.91 -8.52
N TRP A 131 16.85 -1.52 -8.90
CA TRP A 131 15.77 -2.47 -9.08
C TRP A 131 15.43 -3.30 -7.84
N ASP A 132 15.84 -2.82 -6.67
CA ASP A 132 15.66 -3.57 -5.43
C ASP A 132 14.50 -3.00 -4.61
N ILE A 133 13.30 -3.50 -4.89
CA ILE A 133 12.08 -2.92 -4.39
C ILE A 133 11.86 -3.26 -2.90
N ASP A 134 12.38 -4.42 -2.46
CA ASP A 134 12.36 -4.82 -1.03
C ASP A 134 13.12 -3.77 -0.25
N ALA A 135 14.22 -3.29 -0.82
CA ALA A 135 15.03 -2.26 -0.19
C ALA A 135 14.37 -0.88 -0.20
N VAL A 136 13.63 -0.58 -1.25
CA VAL A 136 12.86 0.67 -1.30
C VAL A 136 11.80 0.70 -0.18
N PHE A 137 11.03 -0.38 -0.04
CA PHE A 137 10.05 -0.51 1.04
C PHE A 137 10.72 -0.35 2.40
N ASN A 138 11.85 -1.04 2.61
CA ASN A 138 12.46 -1.08 3.95
C ASN A 138 13.06 0.25 4.40
N ALA A 139 13.40 1.08 3.43
CA ALA A 139 13.95 2.40 3.71
C ALA A 139 12.89 3.45 4.11
N HIS A 140 11.62 3.11 4.00
CA HIS A 140 10.59 4.04 4.42
C HIS A 140 9.94 3.51 5.71
N PRO A 141 9.94 4.33 6.76
CA PRO A 141 9.52 3.86 8.08
C PRO A 141 8.07 3.37 8.08
N ARG A 142 7.16 4.11 7.46
CA ARG A 142 5.76 3.67 7.35
C ARG A 142 5.64 2.38 6.57
N LEU A 143 6.47 2.21 5.55
CA LEU A 143 6.28 1.18 4.55
C LEU A 143 7.01 -0.12 4.87
N SER A 144 8.04 -0.05 5.71
CA SER A 144 8.90 -1.21 5.98
C SER A 144 8.17 -2.37 6.62
N ILE A 145 7.01 -2.10 7.19
CA ILE A 145 6.26 -3.16 7.84
C ILE A 145 5.30 -3.92 6.90
N TRP A 146 5.27 -3.55 5.62
CA TRP A 146 4.36 -4.21 4.65
C TRP A 146 5.13 -5.13 3.72
N TYR A 147 4.64 -6.34 3.56
CA TYR A 147 5.22 -7.22 2.56
C TYR A 147 5.05 -6.62 1.15
N VAL A 148 6.11 -6.70 0.37
CA VAL A 148 6.01 -6.37 -1.04
C VAL A 148 5.04 -7.32 -1.75
N PRO A 149 4.02 -6.77 -2.41
CA PRO A 149 3.07 -7.63 -3.15
C PRO A 149 3.79 -8.34 -4.33
N THR A 150 3.45 -9.61 -4.55
CA THR A 150 4.06 -10.44 -5.60
C THR A 150 4.03 -9.80 -7.00
N LYS A 151 2.85 -9.36 -7.42
CA LYS A 151 2.69 -8.73 -8.73
C LYS A 151 3.69 -7.60 -8.87
N LEU A 152 3.84 -6.77 -7.85
CA LEU A 152 4.79 -5.67 -7.97
C LEU A 152 6.22 -6.18 -8.09
N ARG A 153 6.56 -7.21 -7.32
CA ARG A 153 7.93 -7.77 -7.41
C ARG A 153 8.20 -8.33 -8.81
N GLN A 154 7.21 -9.01 -9.39
CA GLN A 154 7.29 -9.51 -10.76
C GLN A 154 7.51 -8.39 -11.78
N LEU A 155 6.72 -7.32 -11.71
CA LEU A 155 6.91 -6.19 -12.62
C LEU A 155 8.30 -5.59 -12.55
N CYS A 156 8.86 -5.46 -11.34
CA CYS A 156 10.19 -4.86 -11.23
C CYS A 156 11.26 -5.76 -11.87
N HIS A 157 11.04 -7.06 -11.78
CA HIS A 157 11.99 -8.03 -12.33
C HIS A 157 11.90 -8.07 -13.87
N LEU A 158 10.68 -8.16 -14.37
CA LEU A 158 10.42 -8.08 -15.80
C LEU A 158 11.07 -6.84 -16.41
N GLU A 159 10.83 -5.70 -15.78
CA GLU A 159 11.44 -4.44 -16.19
C GLU A 159 12.97 -4.42 -16.14
N ARG A 160 13.56 -5.03 -15.12
CA ARG A 160 15.03 -5.05 -15.04
C ARG A 160 15.63 -5.90 -16.17
N ASN A 161 14.94 -6.99 -16.51
CA ASN A 161 15.40 -7.86 -17.57
C ASN A 161 15.23 -7.20 -18.94
N ASN A 162 14.17 -6.39 -19.10
CA ASN A 162 14.00 -5.59 -20.30
C ASN A 162 15.08 -4.52 -20.42
N ALA A 163 15.46 -3.92 -19.30
CA ALA A 163 16.47 -2.87 -19.30
C ALA A 163 17.88 -3.39 -19.57
N VAL A 164 18.18 -4.58 -19.10
CA VAL A 164 19.53 -5.11 -19.28
C VAL A 164 19.65 -5.67 -20.70
N ALA A 165 18.55 -6.16 -21.22
CA ALA A 165 18.49 -6.58 -22.62
C ALA A 165 18.70 -5.36 -23.51
N ALA A 166 18.24 -4.20 -23.05
CA ALA A 166 18.36 -2.96 -23.79
C ALA A 166 19.76 -2.31 -23.69
N ALA A 167 20.46 -2.53 -22.58
CA ALA A 167 21.82 -1.99 -22.45
C ALA A 167 22.83 -2.84 -23.24
N ALA A 168 22.31 -3.85 -23.92
CA ALA A 168 23.07 -4.54 -24.95
C ALA A 168 22.91 -3.76 -26.24
N ALA A 169 23.30 -2.48 -26.18
CA ALA A 169 23.22 -1.55 -27.31
C ALA A 169 23.90 -0.23 -26.97
#